data_2A6T
#
_entry.id   2A6T
#
_cell.length_a   56.481
_cell.length_b   56.481
_cell.length_c   301.528
_cell.angle_alpha   90.00
_cell.angle_beta   90.00
_cell.angle_gamma   120.00
#
_symmetry.space_group_name_H-M   'P 61'
#
loop_
_entity.id
_entity.type
_entity.pdbx_description
1 polymer SPAC19A8.12
2 water water
#
_entity_poly.entity_id   1
_entity_poly.type   'polypeptide(L)'
_entity_poly.pdbx_seq_one_letter_code
;GPLGSMSFTNATFSQVLDDLSARFILNLPAEEQSSVERLCFQIEQAHWFYEDFIRAQNDQLPSLGLRVFSAKLFAHCPLL
WKWSKVHEEAFDDFLRYKTRIPVRGAIMLDMSMQQCVLVKGWKASSGWGFPKGKIDKDESDVDCAIREVYEETGFDCSSR
INPNEFIDMTIRGQNVRLYIIPGISLDTRFESRTRKEISKIEWHNLMDLPTFKKNKPQTMKNKFYMVIPFLAPLKKWIKK
RNIANNTTKEKNISVDVDADASSQLLSLLKS
;
_entity_poly.pdbx_strand_id   A,B
#
# COMPACT_ATOMS: atom_id res chain seq x y z
N MET A 6 -21.01 -12.32 29.30
CA MET A 6 -20.84 -12.07 30.77
C MET A 6 -19.80 -10.98 31.00
N SER A 7 -19.81 -10.40 32.21
CA SER A 7 -18.97 -9.25 32.54
C SER A 7 -18.88 -8.31 31.33
N PHE A 8 -17.70 -7.77 31.04
CA PHE A 8 -17.49 -6.99 29.81
C PHE A 8 -16.14 -7.31 29.15
N THR A 9 -15.10 -6.49 29.35
CA THR A 9 -13.81 -6.81 28.73
C THR A 9 -12.58 -6.27 29.44
N ASN A 10 -11.97 -7.15 30.22
CA ASN A 10 -10.60 -6.93 30.68
C ASN A 10 -9.79 -8.22 30.52
N ALA A 11 -10.22 -9.06 29.57
CA ALA A 11 -9.53 -10.31 29.30
C ALA A 11 -8.35 -10.07 28.33
N THR A 12 -7.20 -10.66 28.66
CA THR A 12 -5.97 -10.56 27.89
C THR A 12 -5.82 -11.85 27.08
N PHE A 13 -6.34 -11.82 25.85
CA PHE A 13 -6.42 -12.95 24.90
C PHE A 13 -6.34 -14.37 25.44
N SER A 14 -5.23 -14.71 26.10
CA SER A 14 -5.12 -16.00 26.77
C SER A 14 -6.30 -16.29 27.71
N GLN A 15 -6.74 -15.27 28.45
CA GLN A 15 -7.91 -15.38 29.35
C GLN A 15 -9.18 -15.78 28.59
N VAL A 16 -9.35 -15.25 27.39
CA VAL A 16 -10.53 -15.47 26.56
C VAL A 16 -10.58 -16.89 26.01
N LEU A 17 -9.45 -17.38 25.52
CA LEU A 17 -9.34 -18.76 25.03
C LEU A 17 -9.67 -19.78 26.12
N ASP A 18 -9.28 -19.47 27.34
CA ASP A 18 -9.60 -20.34 28.48
C ASP A 18 -11.09 -20.31 28.82
N ASP A 19 -11.72 -19.17 28.60
CA ASP A 19 -13.12 -19.03 28.92
C ASP A 19 -13.93 -19.78 27.86
N LEU A 20 -13.50 -19.68 26.61
CA LEU A 20 -14.17 -20.35 25.50
C LEU A 20 -13.96 -21.86 25.59
N SER A 21 -12.81 -22.27 26.12
CA SER A 21 -12.54 -23.70 26.34
C SER A 21 -13.50 -24.30 27.36
N ALA A 22 -13.83 -23.53 28.38
CA ALA A 22 -14.71 -24.01 29.46
C ALA A 22 -16.22 -23.90 29.14
N ARG A 23 -16.62 -22.90 28.38
CA ARG A 23 -18.04 -22.70 28.10
C ARG A 23 -18.55 -23.61 26.99
N PHE A 24 -17.70 -23.87 26.00
CA PHE A 24 -18.11 -24.62 24.80
C PHE A 24 -17.64 -26.08 24.74
N ILE A 25 -16.44 -26.38 25.22
CA ILE A 25 -15.90 -27.74 25.18
C ILE A 25 -16.11 -28.56 26.45
N LEU A 26 -15.56 -28.09 27.57
CA LEU A 26 -15.66 -28.82 28.84
C LEU A 26 -17.12 -28.93 29.29
N ASN A 27 -17.94 -27.98 28.86
CA ASN A 27 -19.35 -27.96 29.20
C ASN A 27 -20.16 -29.09 28.60
N LEU A 28 -19.74 -29.59 27.43
CA LEU A 28 -20.49 -30.61 26.68
C LEU A 28 -20.99 -31.76 27.53
N PRO A 29 -22.13 -32.33 27.16
CA PRO A 29 -22.57 -33.58 27.76
C PRO A 29 -21.43 -34.59 27.65
N ALA A 30 -21.20 -35.36 28.70
CA ALA A 30 -20.02 -36.21 28.77
C ALA A 30 -19.99 -37.28 27.68
N GLU A 31 -21.15 -37.76 27.26
CA GLU A 31 -21.22 -38.75 26.17
C GLU A 31 -20.89 -38.17 24.80
N GLU A 32 -20.98 -36.84 24.69
CA GLU A 32 -20.65 -36.08 23.46
C GLU A 32 -19.26 -35.47 23.49
N GLN A 33 -18.50 -35.68 24.57
CA GLN A 33 -17.19 -35.02 24.75
C GLN A 33 -16.07 -35.54 23.84
N SER A 34 -16.34 -36.62 23.13
CA SER A 34 -15.39 -37.23 22.23
C SER A 34 -15.93 -37.31 20.81
N SER A 35 -17.07 -36.65 20.57
CA SER A 35 -17.74 -36.67 19.26
C SER A 35 -17.11 -35.67 18.32
N VAL A 36 -16.69 -36.11 17.14
CA VAL A 36 -15.97 -35.23 16.23
C VAL A 36 -16.90 -34.15 15.67
N GLU A 37 -18.10 -34.58 15.32
CA GLU A 37 -19.11 -33.70 14.73
C GLU A 37 -19.58 -32.66 15.73
N ARG A 38 -19.68 -33.04 17.00
CA ARG A 38 -20.10 -32.12 18.07
C ARG A 38 -18.98 -31.16 18.54
N LEU A 39 -17.74 -31.65 18.62
CA LEU A 39 -16.61 -30.79 18.98
C LEU A 39 -16.46 -29.66 17.96
N CYS A 40 -16.59 -30.01 16.67
CA CYS A 40 -16.50 -29.05 15.56
C CYS A 40 -17.61 -28.03 15.60
N PHE A 41 -18.82 -28.50 15.93
CA PHE A 41 -19.97 -27.62 16.12
C PHE A 41 -19.71 -26.64 17.27
N GLN A 42 -19.07 -27.13 18.33
CA GLN A 42 -18.68 -26.29 19.45
C GLN A 42 -17.50 -25.36 19.13
N ILE A 43 -16.56 -25.78 18.27
CA ILE A 43 -15.42 -24.94 17.91
C ILE A 43 -15.88 -23.76 17.06
N GLU A 44 -16.89 -24.00 16.25
CA GLU A 44 -17.38 -23.04 15.26
C GLU A 44 -18.44 -22.13 15.90
N GLN A 45 -19.16 -22.64 16.90
CA GLN A 45 -20.02 -21.80 17.74
C GLN A 45 -19.14 -20.85 18.59
N ALA A 46 -17.99 -21.34 19.06
CA ALA A 46 -17.12 -20.55 19.93
C ALA A 46 -16.33 -19.50 19.15
N HIS A 47 -16.20 -19.77 17.84
CA HIS A 47 -15.54 -18.88 16.92
C HIS A 47 -16.50 -17.74 16.55
N TRP A 48 -17.78 -18.06 16.37
CA TRP A 48 -18.80 -17.04 16.15
C TRP A 48 -18.93 -16.18 17.41
N PHE A 49 -19.07 -16.82 18.57
CA PHE A 49 -19.20 -16.13 19.85
C PHE A 49 -18.05 -15.17 20.09
N TYR A 50 -16.86 -15.53 19.62
CA TYR A 50 -15.69 -14.66 19.73
C TYR A 50 -15.71 -13.49 18.73
N GLU A 51 -16.12 -13.76 17.49
CA GLU A 51 -16.13 -12.76 16.43
C GLU A 51 -17.30 -11.76 16.53
N ASP A 52 -18.48 -12.27 16.91
CA ASP A 52 -19.69 -11.45 16.98
C ASP A 52 -19.88 -10.74 18.32
N PHE A 53 -19.48 -11.37 19.43
CA PHE A 53 -19.83 -10.89 20.77
C PHE A 53 -18.62 -10.42 21.58
N ILE A 54 -17.60 -11.27 21.72
CA ILE A 54 -16.48 -10.96 22.61
C ILE A 54 -15.68 -9.79 22.05
N ARG A 55 -15.38 -9.86 20.76
CA ARG A 55 -14.67 -8.80 20.07
C ARG A 55 -15.46 -7.46 20.06
N ALA A 56 -16.78 -7.52 20.23
CA ALA A 56 -17.62 -6.32 20.35
C ALA A 56 -17.36 -5.57 21.66
N GLN A 57 -17.41 -6.29 22.79
CA GLN A 57 -17.10 -5.72 24.10
C GLN A 57 -15.62 -5.27 24.22
N ASN A 58 -14.75 -5.78 23.35
CA ASN A 58 -13.35 -5.36 23.23
C ASN A 58 -13.18 -4.73 21.85
N ASP A 59 -12.08 -5.02 21.16
CA ASP A 59 -11.75 -4.30 19.93
C ASP A 59 -10.30 -4.63 19.53
N GLN A 60 -9.38 -4.61 20.50
CA GLN A 60 -7.96 -4.97 20.26
C GLN A 60 -7.69 -6.51 20.29
N LEU A 61 -8.73 -7.32 20.27
CA LEU A 61 -8.59 -8.75 19.98
C LEU A 61 -8.53 -8.90 18.46
N PRO A 62 -7.68 -9.81 17.96
CA PRO A 62 -7.66 -10.08 16.53
C PRO A 62 -8.82 -10.97 16.16
N SER A 63 -9.55 -10.56 15.12
CA SER A 63 -10.44 -11.50 14.46
C SER A 63 -9.52 -12.41 13.64
N LEU A 64 -9.85 -13.70 13.61
CA LEU A 64 -8.99 -14.74 13.07
C LEU A 64 -9.59 -15.60 11.93
N GLY A 65 -10.88 -15.88 11.96
CA GLY A 65 -11.37 -16.91 11.08
C GLY A 65 -10.89 -18.29 11.51
N LEU A 66 -11.64 -19.30 11.10
CA LEU A 66 -11.67 -20.58 11.77
C LEU A 66 -10.34 -21.33 11.83
N ARG A 67 -9.53 -21.16 10.79
CA ARG A 67 -8.19 -21.78 10.73
C ARG A 67 -7.36 -21.51 12.00
N VAL A 68 -7.06 -20.24 12.24
CA VAL A 68 -6.11 -19.85 13.27
C VAL A 68 -6.70 -19.98 14.67
N PHE A 69 -7.90 -19.47 14.84
CA PHE A 69 -8.66 -19.60 16.08
C PHE A 69 -8.73 -21.07 16.55
N SER A 70 -8.92 -21.99 15.60
CA SER A 70 -9.02 -23.39 15.94
C SER A 70 -7.69 -23.92 16.49
N ALA A 71 -6.58 -23.52 15.90
CA ALA A 71 -5.26 -23.94 16.40
C ALA A 71 -5.00 -23.39 17.81
N LYS A 72 -5.32 -22.12 18.00
CA LYS A 72 -5.10 -21.45 19.28
C LYS A 72 -5.97 -22.07 20.36
N LEU A 73 -7.15 -22.57 19.99
CA LEU A 73 -8.02 -23.24 20.97
C LEU A 73 -7.44 -24.58 21.36
N PHE A 74 -7.15 -25.43 20.37
CA PHE A 74 -6.49 -26.72 20.57
C PHE A 74 -5.32 -26.66 21.57
N ALA A 75 -4.49 -25.64 21.43
CA ALA A 75 -3.39 -25.35 22.36
C ALA A 75 -3.91 -24.38 23.43
N HIS A 76 -4.70 -24.94 24.36
CA HIS A 76 -5.52 -24.23 25.36
C HIS A 76 -6.63 -25.17 25.91
N CYS A 77 -6.98 -26.21 25.14
CA CYS A 77 -7.99 -27.20 25.52
C CYS A 77 -7.47 -28.62 25.14
N PRO A 78 -6.90 -29.33 26.12
CA PRO A 78 -6.30 -30.65 25.90
C PRO A 78 -7.29 -31.68 25.38
N LEU A 79 -8.54 -31.61 25.85
CA LEU A 79 -9.64 -32.45 25.33
C LEU A 79 -9.75 -32.35 23.82
N LEU A 80 -9.80 -31.11 23.33
CA LEU A 80 -9.89 -30.83 21.90
C LEU A 80 -8.67 -31.32 21.12
N TRP A 81 -7.49 -31.21 21.72
CA TRP A 81 -6.26 -31.69 21.09
C TRP A 81 -6.43 -33.14 20.60
N LYS A 82 -6.54 -34.09 21.54
CA LYS A 82 -6.63 -35.51 21.19
C LYS A 82 -7.77 -35.87 20.18
N TRP A 83 -9.00 -35.47 20.45
CA TRP A 83 -10.13 -35.83 19.58
C TRP A 83 -10.09 -34.97 18.32
N HIS A 87 -8.63 -38.47 15.11
CA HIS A 87 -8.97 -38.36 13.70
C HIS A 87 -8.68 -36.93 13.14
N GLU A 88 -7.56 -36.82 12.42
CA GLU A 88 -7.03 -35.54 11.94
C GLU A 88 -7.53 -35.11 10.53
N GLU A 89 -8.00 -36.07 9.72
CA GLU A 89 -8.42 -35.79 8.34
C GLU A 89 -9.72 -35.01 8.33
N ALA A 90 -10.71 -35.54 9.07
CA ALA A 90 -12.05 -34.96 9.14
C ALA A 90 -12.05 -33.58 9.80
N PHE A 91 -11.05 -33.34 10.63
CA PHE A 91 -10.89 -32.02 11.20
C PHE A 91 -10.31 -31.04 10.20
N ASP A 92 -9.50 -31.53 9.26
CA ASP A 92 -9.04 -30.71 8.13
C ASP A 92 -10.14 -30.48 7.11
N ASP A 93 -10.93 -31.51 6.88
CA ASP A 93 -12.13 -31.43 6.05
C ASP A 93 -13.09 -30.37 6.59
N PHE A 94 -13.10 -30.20 7.91
CA PHE A 94 -13.95 -29.20 8.56
C PHE A 94 -13.42 -27.78 8.40
N LEU A 95 -12.10 -27.62 8.40
CA LEU A 95 -11.49 -26.30 8.23
C LEU A 95 -11.32 -25.89 6.76
N ARG A 96 -11.28 -26.87 5.86
CA ARG A 96 -11.06 -26.58 4.45
C ARG A 96 -12.27 -25.87 3.93
N TYR A 97 -13.42 -26.42 4.27
CA TYR A 97 -14.69 -25.98 3.70
C TYR A 97 -15.38 -24.91 4.53
N LYS A 98 -15.04 -24.79 5.79
CA LYS A 98 -15.61 -23.73 6.61
C LYS A 98 -14.69 -22.53 6.67
N THR A 99 -13.67 -22.53 5.79
CA THR A 99 -12.83 -21.36 5.48
C THR A 99 -13.73 -20.22 5.04
N ARG A 100 -13.70 -19.08 5.74
CA ARG A 100 -14.58 -17.94 5.41
C ARG A 100 -14.21 -17.16 4.12
N ILE A 101 -13.09 -17.49 3.47
CA ILE A 101 -12.76 -17.01 2.11
C ILE A 101 -12.37 -15.49 2.03
N PRO A 102 -11.09 -15.20 1.76
CA PRO A 102 -10.58 -13.82 1.68
C PRO A 102 -11.19 -12.90 0.59
N VAL A 103 -11.45 -11.63 0.95
CA VAL A 103 -12.01 -10.61 0.08
C VAL A 103 -10.96 -9.53 -0.31
N ARG A 104 -10.79 -9.29 -1.61
CA ARG A 104 -10.00 -8.13 -2.10
C ARG A 104 -10.86 -7.12 -2.89
N GLY A 105 -10.54 -5.82 -2.74
CA GLY A 105 -11.25 -4.75 -3.44
C GLY A 105 -10.49 -3.43 -3.47
N ALA A 106 -11.20 -2.30 -3.44
CA ALA A 106 -10.55 -0.98 -3.47
C ALA A 106 -11.34 0.18 -2.90
N ILE A 107 -10.63 1.10 -2.28
CA ILE A 107 -11.15 2.40 -1.89
C ILE A 107 -10.58 3.43 -2.88
N MET A 108 -11.39 3.88 -3.84
CA MET A 108 -10.94 4.86 -4.82
C MET A 108 -11.22 6.26 -4.32
N LEU A 109 -10.17 7.03 -4.08
CA LEU A 109 -10.27 8.43 -3.64
C LEU A 109 -10.15 9.44 -4.79
N ASP A 110 -10.69 10.63 -4.57
CA ASP A 110 -10.92 11.59 -5.66
C ASP A 110 -9.79 12.52 -6.09
N MET A 111 -8.65 12.52 -5.39
CA MET A 111 -7.54 13.46 -5.71
C MET A 111 -7.22 14.36 -4.53
N SER A 112 -8.23 15.06 -4.06
CA SER A 112 -8.14 15.77 -2.80
C SER A 112 -8.17 14.82 -1.60
N MET A 113 -8.58 13.57 -1.87
CA MET A 113 -8.74 12.51 -0.88
C MET A 113 -9.78 12.87 0.15
N GLN A 114 -10.82 13.56 -0.32
CA GLN A 114 -11.98 13.93 0.49
C GLN A 114 -13.23 13.12 0.15
N GLN A 115 -13.21 12.45 -1.00
CA GLN A 115 -14.34 11.64 -1.43
C GLN A 115 -13.88 10.24 -1.85
N CYS A 116 -14.74 9.24 -1.69
CA CYS A 116 -14.46 7.88 -2.15
C CYS A 116 -15.63 7.31 -2.91
N VAL A 117 -15.37 6.31 -3.75
CA VAL A 117 -16.43 5.69 -4.54
C VAL A 117 -17.06 4.56 -3.74
N LEU A 118 -18.36 4.66 -3.48
CA LEU A 118 -19.07 3.64 -2.77
C LEU A 118 -20.07 2.97 -3.69
N VAL A 119 -20.45 1.78 -3.32
CA VAL A 119 -21.37 1.03 -4.15
C VAL A 119 -22.55 0.53 -3.32
N LYS A 120 -23.62 0.15 -4.01
CA LYS A 120 -24.82 -0.36 -3.37
C LYS A 120 -25.54 -1.30 -4.34
N GLY A 121 -26.07 -2.38 -3.80
CA GLY A 121 -26.65 -3.44 -4.61
C GLY A 121 -28.15 -3.32 -4.75
N TRP A 122 -28.73 -4.37 -5.34
CA TRP A 122 -30.18 -4.51 -5.54
C TRP A 122 -30.83 -5.35 -4.45
N LYS A 123 -30.08 -5.71 -3.42
CA LYS A 123 -30.58 -6.59 -2.35
C LYS A 123 -31.27 -5.72 -1.29
N ALA A 124 -32.10 -6.36 -0.46
CA ALA A 124 -33.04 -5.66 0.43
C ALA A 124 -32.42 -4.87 1.61
N SER A 125 -31.50 -5.49 2.34
CA SER A 125 -30.79 -4.80 3.43
C SER A 125 -29.83 -3.74 2.87
N SER A 126 -29.90 -3.50 1.55
CA SER A 126 -29.15 -2.44 0.84
C SER A 126 -27.82 -2.11 1.50
N GLY A 127 -27.60 -0.85 1.87
CA GLY A 127 -26.32 -0.43 2.42
C GLY A 127 -25.35 -0.01 1.33
N TRP A 128 -24.35 0.77 1.74
CA TRP A 128 -23.25 1.19 0.88
C TRP A 128 -21.97 0.49 1.34
N GLY A 129 -21.13 0.11 0.38
CA GLY A 129 -19.82 -0.41 0.67
C GLY A 129 -18.85 -0.22 -0.48
N PHE A 130 -17.57 -0.45 -0.21
CA PHE A 130 -16.57 -0.34 -1.23
C PHE A 130 -16.72 -1.52 -2.18
N PRO A 131 -16.44 -1.33 -3.45
CA PRO A 131 -16.48 -2.45 -4.40
C PRO A 131 -15.46 -3.51 -3.99
N LYS A 132 -15.89 -4.77 -3.83
CA LYS A 132 -15.00 -5.83 -3.37
C LYS A 132 -15.73 -7.16 -3.35
N GLY A 133 -14.97 -8.23 -3.17
CA GLY A 133 -15.54 -9.55 -3.02
C GLY A 133 -14.53 -10.69 -2.93
N LYS A 134 -15.05 -11.91 -3.02
CA LYS A 134 -14.28 -13.12 -2.78
C LYS A 134 -13.29 -13.43 -3.89
N ILE A 135 -12.06 -13.70 -3.50
CA ILE A 135 -11.00 -14.07 -4.44
C ILE A 135 -11.32 -15.36 -5.19
N ASP A 136 -10.91 -15.46 -6.45
CA ASP A 136 -11.10 -16.67 -7.28
C ASP A 136 -9.91 -17.66 -7.17
N LYS A 137 -10.20 -18.92 -7.51
CA LYS A 137 -9.22 -19.87 -8.05
C LYS A 137 -8.05 -19.21 -8.80
N ASP A 138 -6.84 -19.66 -8.49
CA ASP A 138 -5.62 -19.24 -9.23
C ASP A 138 -5.61 -17.74 -9.62
N GLU A 139 -6.15 -16.90 -8.75
CA GLU A 139 -6.19 -15.47 -9.01
C GLU A 139 -5.34 -14.76 -7.95
N SER A 140 -4.57 -13.76 -8.39
CA SER A 140 -3.79 -12.90 -7.48
C SER A 140 -4.63 -11.92 -6.71
N ASP A 141 -4.24 -11.64 -5.47
CA ASP A 141 -4.82 -10.57 -4.68
C ASP A 141 -5.09 -9.30 -5.49
N VAL A 142 -4.13 -8.88 -6.32
CA VAL A 142 -4.30 -7.67 -7.12
C VAL A 142 -5.37 -7.89 -8.22
N ASP A 143 -5.32 -9.02 -8.89
CA ASP A 143 -6.31 -9.38 -9.90
C ASP A 143 -7.76 -9.34 -9.40
N CYS A 144 -7.99 -9.89 -8.20
CA CYS A 144 -9.30 -9.86 -7.53
C CYS A 144 -9.79 -8.42 -7.31
N ALA A 145 -8.91 -7.53 -6.87
CA ALA A 145 -9.28 -6.14 -6.60
C ALA A 145 -9.67 -5.44 -7.89
N ILE A 146 -8.90 -5.67 -8.95
CA ILE A 146 -9.15 -5.08 -10.25
C ILE A 146 -10.48 -5.60 -10.82
N ARG A 147 -10.73 -6.89 -10.63
CA ARG A 147 -11.88 -7.56 -11.22
C ARG A 147 -13.17 -7.14 -10.53
N GLU A 148 -13.19 -7.20 -9.21
CA GLU A 148 -14.30 -6.72 -8.42
C GLU A 148 -14.59 -5.25 -8.69
N VAL A 149 -13.58 -4.38 -8.77
CA VAL A 149 -13.80 -2.96 -9.09
C VAL A 149 -14.44 -2.78 -10.48
N TYR A 150 -13.96 -3.51 -11.47
CA TYR A 150 -14.41 -3.32 -12.85
C TYR A 150 -15.79 -3.92 -13.08
N GLU A 151 -16.08 -5.00 -12.39
CA GLU A 151 -17.40 -5.62 -12.48
C GLU A 151 -18.47 -4.74 -11.81
N GLU A 152 -18.12 -4.10 -10.70
CA GLU A 152 -19.08 -3.36 -9.88
C GLU A 152 -19.25 -1.88 -10.28
N THR A 153 -18.17 -1.24 -10.73
CA THR A 153 -18.16 0.21 -11.02
C THR A 153 -17.90 0.51 -12.50
N GLY A 154 -17.43 -0.51 -13.24
CA GLY A 154 -17.06 -0.32 -14.63
C GLY A 154 -15.80 0.49 -14.88
N PHE A 155 -15.00 0.74 -13.84
CA PHE A 155 -13.71 1.44 -13.98
C PHE A 155 -12.56 0.45 -13.93
N ASP A 156 -11.67 0.57 -14.91
CA ASP A 156 -10.48 -0.28 -14.98
C ASP A 156 -9.34 0.40 -14.25
N CYS A 157 -9.11 0.02 -13.01
CA CYS A 157 -8.11 0.67 -12.17
C CYS A 157 -6.77 -0.06 -12.30
N SER A 158 -6.48 -0.60 -13.49
CA SER A 158 -5.30 -1.46 -13.67
C SER A 158 -4.02 -0.66 -13.69
N SER A 159 -4.13 0.55 -14.22
CA SER A 159 -2.99 1.38 -14.44
C SER A 159 -2.63 2.18 -13.18
N ARG A 160 -3.43 2.10 -12.12
CA ARG A 160 -3.09 2.83 -10.91
C ARG A 160 -3.24 2.13 -9.57
N ILE A 161 -3.56 0.84 -9.58
CA ILE A 161 -3.57 0.03 -8.36
C ILE A 161 -2.13 -0.25 -7.91
N ASN A 162 -1.87 -0.10 -6.62
CA ASN A 162 -0.54 -0.31 -6.04
C ASN A 162 -0.61 -1.45 -4.99
N PRO A 163 0.14 -2.54 -5.19
CA PRO A 163 0.18 -3.69 -4.27
C PRO A 163 0.56 -3.38 -2.82
N ASN A 164 1.31 -2.29 -2.63
CA ASN A 164 1.82 -1.89 -1.33
C ASN A 164 0.90 -0.93 -0.59
N GLU A 165 -0.19 -0.50 -1.24
CA GLU A 165 -1.10 0.53 -0.68
C GLU A 165 -2.50 -0.05 -0.52
N PHE A 166 -2.84 -0.34 0.73
CA PHE A 166 -4.04 -1.11 1.08
C PHE A 166 -4.30 -1.05 2.57
N ILE A 167 -5.55 -1.27 2.95
CA ILE A 167 -5.88 -1.60 4.32
C ILE A 167 -6.26 -3.08 4.35
N ASP A 168 -5.50 -3.85 5.11
CA ASP A 168 -5.71 -5.29 5.25
C ASP A 168 -6.21 -5.51 6.67
N MET A 169 -7.29 -6.28 6.81
CA MET A 169 -7.78 -6.65 8.14
C MET A 169 -8.68 -7.89 8.10
N THR A 170 -9.00 -8.41 9.28
CA THR A 170 -9.96 -9.49 9.40
C THR A 170 -11.21 -8.91 10.03
N ILE A 171 -12.37 -9.25 9.48
CA ILE A 171 -13.65 -8.79 10.02
C ILE A 171 -14.61 -10.00 10.07
N ARG A 172 -15.22 -10.23 11.23
CA ARG A 172 -15.98 -11.46 11.46
C ARG A 172 -15.23 -12.69 10.93
N GLY A 173 -13.92 -12.73 11.08
CA GLY A 173 -13.15 -13.90 10.65
C GLY A 173 -12.86 -14.04 9.16
N GLN A 174 -13.24 -13.03 8.37
CA GLN A 174 -12.87 -12.97 6.95
C GLN A 174 -11.79 -11.93 6.71
N ASN A 175 -10.69 -12.36 6.14
CA ASN A 175 -9.67 -11.41 5.78
C ASN A 175 -10.19 -10.53 4.66
N VAL A 176 -10.10 -9.21 4.86
CA VAL A 176 -10.43 -8.20 3.86
C VAL A 176 -9.25 -7.26 3.60
N ARG A 177 -8.89 -7.13 2.33
CA ARG A 177 -7.84 -6.24 1.91
C ARG A 177 -8.35 -5.35 0.77
N LEU A 178 -8.49 -4.06 1.05
CA LEU A 178 -8.89 -3.09 0.04
C LEU A 178 -7.72 -2.20 -0.36
N TYR A 179 -7.45 -2.18 -1.67
CA TYR A 179 -6.39 -1.33 -2.21
C TYR A 179 -6.86 0.12 -2.32
N ILE A 180 -6.08 1.00 -1.74
CA ILE A 180 -6.45 2.40 -1.75
C ILE A 180 -5.77 3.06 -2.94
N ILE A 181 -6.59 3.57 -3.85
CA ILE A 181 -6.17 4.16 -5.12
C ILE A 181 -6.64 5.60 -5.26
N PRO A 182 -5.78 6.60 -5.01
CA PRO A 182 -6.19 8.00 -5.10
C PRO A 182 -6.08 8.59 -6.51
N GLY A 183 -6.60 9.80 -6.71
CA GLY A 183 -6.41 10.54 -7.93
C GLY A 183 -7.34 10.15 -9.07
N ILE A 184 -8.54 9.67 -8.74
CA ILE A 184 -9.49 9.20 -9.71
C ILE A 184 -10.34 10.39 -9.98
N SER A 185 -10.35 10.84 -11.23
CA SER A 185 -11.10 12.00 -11.61
C SER A 185 -12.55 11.94 -11.14
N LEU A 186 -13.08 13.10 -10.79
CA LEU A 186 -14.49 13.27 -10.38
C LEU A 186 -15.46 13.16 -11.57
N ASP A 187 -14.92 13.15 -12.79
CA ASP A 187 -15.72 12.98 -14.00
C ASP A 187 -15.61 11.58 -14.59
N THR A 188 -15.02 10.65 -13.84
CA THR A 188 -15.07 9.23 -14.18
C THR A 188 -16.52 8.85 -14.35
N ARG A 189 -16.77 7.88 -15.24
CA ARG A 189 -18.09 7.60 -15.76
C ARG A 189 -19.01 6.90 -14.75
N PHE A 190 -18.56 5.74 -14.29
CA PHE A 190 -19.37 4.85 -13.44
C PHE A 190 -20.74 4.61 -14.03
N GLU A 197 -25.31 -7.61 -8.74
CA GLU A 197 -25.46 -6.49 -9.67
C GLU A 197 -25.60 -5.21 -8.85
N ILE A 198 -25.54 -4.07 -9.56
CA ILE A 198 -25.32 -2.76 -8.94
C ILE A 198 -26.44 -1.75 -9.34
N SER A 199 -26.99 -1.09 -8.33
CA SER A 199 -28.07 -0.12 -8.50
C SER A 199 -27.50 1.27 -8.59
N LYS A 200 -26.51 1.56 -7.74
CA LYS A 200 -25.95 2.91 -7.66
C LYS A 200 -24.43 2.90 -7.43
N ILE A 201 -23.73 3.79 -8.14
CA ILE A 201 -22.30 4.07 -7.88
C ILE A 201 -22.14 5.57 -7.68
N GLU A 202 -21.60 5.96 -6.53
CA GLU A 202 -21.55 7.36 -6.14
C GLU A 202 -20.34 7.71 -5.31
N TRP A 203 -19.91 8.97 -5.44
CA TRP A 203 -18.95 9.55 -4.54
C TRP A 203 -19.64 9.95 -3.26
N HIS A 204 -18.97 9.72 -2.15
CA HIS A 204 -19.45 10.15 -0.84
C HIS A 204 -18.32 10.90 -0.19
N ASN A 205 -18.66 11.88 0.63
CA ASN A 205 -17.70 12.71 1.31
C ASN A 205 -17.33 12.02 2.59
N LEU A 206 -16.05 11.70 2.75
CA LEU A 206 -15.54 10.96 3.92
C LEU A 206 -15.97 11.57 5.27
N MET A 207 -15.98 12.90 5.38
CA MET A 207 -16.53 13.57 6.56
C MET A 207 -17.99 13.21 6.85
N ASP A 208 -18.79 13.07 5.80
CA ASP A 208 -20.19 12.64 5.97
C ASP A 208 -20.37 11.20 6.40
N LEU A 209 -19.34 10.38 6.24
CA LEU A 209 -19.44 8.96 6.59
C LEU A 209 -19.35 8.79 8.10
N PRO A 210 -20.19 7.90 8.64
CA PRO A 210 -20.35 7.68 10.08
C PRO A 210 -19.24 8.08 11.02
N THR A 211 -18.09 7.41 10.99
CA THR A 211 -17.12 7.57 12.06
C THR A 211 -15.81 8.29 11.71
N PHE A 212 -15.74 8.91 10.53
CA PHE A 212 -14.48 9.52 10.02
C PHE A 212 -13.93 10.61 10.94
N LYS A 213 -14.75 11.62 11.24
CA LYS A 213 -14.35 12.69 12.15
C LYS A 213 -14.93 12.53 13.56
N MET A 220 -29.21 8.26 7.53
CA MET A 220 -28.83 7.61 8.78
C MET A 220 -27.46 6.93 8.66
N LYS A 221 -26.98 6.35 9.76
CA LYS A 221 -25.65 5.79 9.78
C LYS A 221 -25.65 4.30 9.50
N ASN A 222 -26.82 3.68 9.58
CA ASN A 222 -26.98 2.25 9.33
C ASN A 222 -26.74 1.86 7.87
N LYS A 223 -26.87 2.83 6.96
CA LYS A 223 -26.56 2.66 5.55
C LYS A 223 -25.09 2.38 5.24
N PHE A 224 -24.20 2.48 6.22
CA PHE A 224 -22.76 2.55 5.99
C PHE A 224 -21.95 1.63 6.90
N TYR A 225 -22.56 0.51 7.30
CA TYR A 225 -21.90 -0.42 8.22
C TYR A 225 -20.77 -1.23 7.57
N MET A 226 -20.90 -1.53 6.28
CA MET A 226 -19.84 -2.24 5.54
C MET A 226 -18.54 -1.41 5.31
N VAL A 227 -18.54 -0.14 5.76
CA VAL A 227 -17.52 0.86 5.50
C VAL A 227 -16.76 1.27 6.78
N ILE A 228 -17.49 1.38 7.89
CA ILE A 228 -16.97 1.98 9.13
C ILE A 228 -15.63 1.45 9.67
N PRO A 229 -15.44 0.12 9.66
CA PRO A 229 -14.18 -0.47 10.15
C PRO A 229 -12.94 0.06 9.45
N PHE A 230 -13.06 0.39 8.17
CA PHE A 230 -11.96 0.92 7.37
C PHE A 230 -11.74 2.42 7.50
N LEU A 231 -12.62 3.15 8.14
CA LEU A 231 -12.46 4.60 8.19
C LEU A 231 -11.26 5.00 9.04
N ALA A 232 -11.00 4.29 10.13
CA ALA A 232 -9.90 4.71 10.99
C ALA A 232 -8.50 4.53 10.34
N PRO A 233 -8.24 3.37 9.72
CA PRO A 233 -6.95 3.17 9.03
C PRO A 233 -6.87 3.94 7.71
N LEU A 234 -8.00 4.06 6.99
CA LEU A 234 -8.06 4.93 5.81
C LEU A 234 -7.62 6.35 6.16
N LYS A 235 -8.30 6.97 7.11
CA LYS A 235 -7.98 8.33 7.50
C LYS A 235 -6.50 8.46 7.87
N LYS A 236 -5.93 7.42 8.48
CA LYS A 236 -4.52 7.40 8.87
C LYS A 236 -3.60 7.37 7.65
N TRP A 237 -3.99 6.59 6.65
CA TRP A 237 -3.31 6.59 5.37
C TRP A 237 -3.27 7.98 4.75
N ILE A 238 -4.44 8.59 4.62
CA ILE A 238 -4.62 9.93 4.08
C ILE A 238 -3.77 10.97 4.80
N LYS A 239 -3.73 10.91 6.13
CA LYS A 239 -2.95 11.85 6.91
C LYS A 239 -1.50 11.71 6.50
N LYS A 240 -1.02 10.47 6.45
CA LYS A 240 0.34 10.20 6.08
C LYS A 240 0.64 10.65 4.66
N ARG A 241 -0.32 10.45 3.77
CA ARG A 241 -0.14 10.79 2.37
C ARG A 241 0.08 12.29 2.18
N ASN A 242 -0.77 13.10 2.82
CA ASN A 242 -0.66 14.54 2.76
C ASN A 242 0.59 15.09 3.45
N ILE A 243 1.04 14.44 4.52
CA ILE A 243 2.29 14.85 5.14
C ILE A 243 3.45 14.58 4.19
N ALA A 244 3.44 13.42 3.53
CA ALA A 244 4.55 13.02 2.67
C ALA A 244 4.60 13.83 1.38
N ASN A 245 3.44 14.23 0.87
CA ASN A 245 3.34 15.09 -0.30
C ASN A 245 3.82 16.53 -0.04
N ASN A 246 3.93 16.91 1.23
CA ASN A 246 4.31 18.26 1.61
C ASN A 246 5.62 18.40 2.36
N THR A 247 6.41 17.34 2.47
CA THR A 247 7.66 17.45 3.23
C THR A 247 8.88 17.50 2.33
N THR A 248 10.03 17.85 2.91
CA THR A 248 11.29 17.89 2.16
C THR A 248 12.34 16.86 2.63
N LYS A 249 12.43 16.61 3.93
CA LYS A 249 13.45 15.69 4.48
C LYS A 249 14.72 16.45 4.84
N GLU A 250 15.07 16.37 6.11
CA GLU A 250 16.18 17.14 6.72
C GLU A 250 16.25 16.89 8.25
N CYS B 40 35.56 26.02 7.72
CA CYS B 40 34.65 26.10 6.53
C CYS B 40 35.38 25.61 5.30
N PHE B 41 36.49 26.27 5.00
CA PHE B 41 37.40 25.83 3.95
C PHE B 41 37.81 24.38 4.22
N GLN B 42 38.04 24.03 5.48
CA GLN B 42 38.57 22.73 5.86
C GLN B 42 37.55 21.60 5.75
N ILE B 43 36.28 21.90 6.00
CA ILE B 43 35.23 20.89 5.89
C ILE B 43 34.98 20.59 4.40
N GLU B 44 34.92 21.63 3.58
CA GLU B 44 34.88 21.50 2.12
C GLU B 44 36.03 20.64 1.60
N GLN B 45 37.21 20.86 2.16
CA GLN B 45 38.42 20.19 1.69
C GLN B 45 38.33 18.71 2.00
N ALA B 46 37.90 18.36 3.21
CA ALA B 46 37.75 16.97 3.62
C ALA B 46 36.58 16.35 2.91
N HIS B 47 35.60 17.16 2.54
CA HIS B 47 34.41 16.68 1.85
C HIS B 47 34.78 16.22 0.46
N TRP B 48 35.53 17.05 -0.24
CA TRP B 48 35.99 16.74 -1.59
C TRP B 48 37.10 15.70 -1.59
N PHE B 49 37.90 15.68 -0.52
CA PHE B 49 38.88 14.62 -0.36
C PHE B 49 38.11 13.32 -0.21
N TYR B 50 36.95 13.38 0.44
CA TYR B 50 36.16 12.18 0.63
C TYR B 50 35.45 11.74 -0.65
N GLU B 51 34.68 12.64 -1.26
CA GLU B 51 33.85 12.31 -2.42
C GLU B 51 34.67 11.95 -3.67
N ASP B 52 35.77 12.68 -3.91
CA ASP B 52 36.62 12.45 -5.08
C ASP B 52 37.77 11.44 -4.89
N PHE B 53 38.44 11.43 -3.74
CA PHE B 53 39.60 10.54 -3.53
C PHE B 53 39.23 9.22 -2.89
N ILE B 54 38.70 9.27 -1.67
CA ILE B 54 38.43 8.06 -0.89
C ILE B 54 37.41 7.18 -1.60
N ARG B 55 36.33 7.78 -2.10
CA ARG B 55 35.29 7.03 -2.79
C ARG B 55 35.78 6.47 -4.13
N ALA B 56 36.80 7.10 -4.72
CA ALA B 56 37.37 6.56 -5.94
C ALA B 56 37.92 5.17 -5.63
N GLN B 57 38.67 5.07 -4.54
CA GLN B 57 39.36 3.85 -4.13
C GLN B 57 38.60 3.03 -3.08
N ASN B 58 37.28 2.87 -3.25
CA ASN B 58 36.47 2.04 -2.35
C ASN B 58 35.02 1.89 -2.80
N ASP B 59 34.23 2.96 -2.72
CA ASP B 59 32.84 2.91 -3.17
C ASP B 59 31.96 2.02 -2.29
N SER B 63 28.40 8.39 -1.03
CA SER B 63 28.29 9.79 -1.44
C SER B 63 27.27 10.50 -0.56
N LEU B 64 27.68 11.65 -0.04
CA LEU B 64 26.85 12.40 0.89
C LEU B 64 26.88 13.88 0.61
N GLY B 65 25.73 14.53 0.76
CA GLY B 65 25.61 15.97 0.58
C GLY B 65 26.33 16.69 1.70
N LEU B 66 26.63 17.98 1.49
CA LEU B 66 27.48 18.72 2.41
C LEU B 66 26.94 18.74 3.85
N ARG B 67 25.64 18.95 4.01
CA ARG B 67 25.06 18.99 5.37
C ARG B 67 25.28 17.69 6.12
N VAL B 68 25.05 16.58 5.46
CA VAL B 68 25.18 15.29 6.10
C VAL B 68 26.64 14.93 6.36
N PHE B 69 27.52 15.11 5.37
CA PHE B 69 28.95 14.83 5.54
C PHE B 69 29.47 15.48 6.82
N SER B 70 29.38 16.82 6.92
CA SER B 70 29.86 17.56 8.10
C SER B 70 29.19 17.13 9.39
N ALA B 71 27.94 16.67 9.28
CA ALA B 71 27.20 16.15 10.43
C ALA B 71 27.82 14.84 10.91
N LYS B 72 28.11 13.92 9.98
CA LYS B 72 28.80 12.68 10.32
C LYS B 72 29.99 12.95 11.23
N LEU B 73 30.83 13.90 10.86
CA LEU B 73 32.00 14.28 11.66
C LEU B 73 31.63 14.65 13.11
N GLU B 88 26.81 27.57 16.69
CA GLU B 88 27.48 27.71 15.40
C GLU B 88 26.46 28.05 14.31
N GLU B 89 26.32 29.35 14.05
CA GLU B 89 25.31 29.88 13.14
C GLU B 89 25.94 30.22 11.78
N ALA B 90 27.05 30.96 11.80
CA ALA B 90 27.81 31.24 10.58
C ALA B 90 28.15 29.95 9.81
N PHE B 91 28.61 28.94 10.54
CA PHE B 91 28.81 27.60 9.99
C PHE B 91 27.57 27.08 9.31
N ASP B 92 26.43 27.24 9.96
CA ASP B 92 25.16 26.72 9.41
C ASP B 92 24.79 27.31 8.04
N ASP B 93 25.02 28.62 7.84
CA ASP B 93 24.65 29.28 6.58
C ASP B 93 25.62 29.03 5.41
N PHE B 94 26.91 28.84 5.70
CA PHE B 94 27.87 28.30 4.73
C PHE B 94 27.33 26.99 4.21
N LEU B 95 26.88 26.17 5.14
CA LEU B 95 26.39 24.84 4.87
C LEU B 95 25.07 24.87 4.11
N ARG B 96 24.31 25.96 4.19
CA ARG B 96 23.07 26.04 3.41
C ARG B 96 23.38 26.48 1.98
N TYR B 97 24.25 27.46 1.84
CA TYR B 97 24.54 28.03 0.53
C TYR B 97 25.52 27.20 -0.30
N LYS B 98 26.24 26.27 0.33
CA LYS B 98 27.18 25.41 -0.38
C LYS B 98 26.75 23.92 -0.53
N THR B 99 25.59 23.54 0.03
CA THR B 99 25.18 22.13 -0.02
C THR B 99 25.12 21.53 -1.40
N ARG B 100 24.21 21.99 -2.24
CA ARG B 100 24.12 21.51 -3.65
C ARG B 100 22.71 21.62 -4.27
N ILE B 101 21.67 21.57 -3.47
CA ILE B 101 20.27 21.69 -3.94
C ILE B 101 19.80 20.35 -4.48
N PRO B 102 18.94 19.70 -3.71
CA PRO B 102 18.37 18.41 -4.12
C PRO B 102 17.66 18.49 -5.48
N VAL B 103 17.53 17.34 -6.13
CA VAL B 103 16.97 17.25 -7.46
C VAL B 103 15.86 16.21 -7.37
N ARG B 104 14.72 16.52 -7.98
CA ARG B 104 13.60 15.59 -8.02
C ARG B 104 13.08 15.46 -9.43
N GLY B 105 12.51 14.32 -9.74
CA GLY B 105 12.16 13.98 -11.10
C GLY B 105 11.35 12.71 -11.13
N ALA B 106 11.00 12.23 -12.31
CA ALA B 106 10.25 11.00 -12.39
C ALA B 106 10.76 10.05 -13.45
N ILE B 107 10.77 8.78 -13.08
CA ILE B 107 10.85 7.69 -14.02
C ILE B 107 9.44 7.24 -14.35
N MET B 108 8.96 7.61 -15.53
CA MET B 108 7.64 7.20 -15.96
C MET B 108 7.70 5.91 -16.78
N LEU B 109 6.89 4.94 -16.40
CA LEU B 109 6.92 3.60 -16.96
C LEU B 109 5.59 3.23 -17.60
N ASP B 110 5.69 2.13 -18.32
CA ASP B 110 4.67 1.61 -19.21
C ASP B 110 3.39 1.23 -18.48
N MET B 111 3.41 0.09 -17.79
CA MET B 111 2.23 -0.69 -17.40
C MET B 111 2.67 -2.17 -17.43
N SER B 112 3.36 -2.54 -18.51
CA SER B 112 4.17 -3.76 -18.51
C SER B 112 5.51 -3.49 -17.82
N MET B 113 5.75 -2.23 -17.48
CA MET B 113 7.00 -1.75 -16.90
C MET B 113 8.21 -2.18 -17.74
N GLN B 114 8.05 -2.00 -19.06
CA GLN B 114 9.09 -2.35 -20.03
C GLN B 114 9.64 -1.15 -20.77
N GLN B 115 8.97 -0.01 -20.66
CA GLN B 115 9.47 1.22 -21.29
C GLN B 115 9.41 2.40 -20.31
N CYS B 116 10.21 3.42 -20.59
CA CYS B 116 10.26 4.64 -19.79
C CYS B 116 10.45 5.84 -20.70
N VAL B 117 10.18 7.01 -20.14
CA VAL B 117 10.24 8.24 -20.90
C VAL B 117 11.58 8.88 -20.60
N LEU B 118 12.32 9.23 -21.64
CA LEU B 118 13.58 9.97 -21.52
C LEU B 118 13.50 11.28 -22.28
N VAL B 119 14.27 12.28 -21.85
CA VAL B 119 14.24 13.64 -22.37
C VAL B 119 15.63 14.10 -22.90
N LYS B 120 15.63 14.99 -23.90
CA LYS B 120 16.87 15.54 -24.47
C LYS B 120 16.79 17.06 -24.65
N TRP B 128 20.43 11.88 -23.01
CA TRP B 128 19.13 11.34 -22.61
C TRP B 128 19.06 11.17 -21.09
N GLY B 129 17.98 11.67 -20.49
CA GLY B 129 17.78 11.52 -19.06
C GLY B 129 16.33 11.61 -18.58
N PHE B 130 16.10 11.07 -17.40
CA PHE B 130 14.81 11.17 -16.77
C PHE B 130 14.48 12.65 -16.53
N PRO B 131 13.22 13.04 -16.72
CA PRO B 131 12.82 14.43 -16.49
C PRO B 131 12.99 14.80 -15.01
N LYS B 132 13.72 15.88 -14.74
CA LYS B 132 14.07 16.24 -13.37
C LYS B 132 14.76 17.59 -13.34
N GLY B 133 14.83 18.18 -12.16
CA GLY B 133 15.50 19.45 -11.95
C GLY B 133 15.57 19.84 -10.48
N LYS B 134 16.15 21.01 -10.22
CA LYS B 134 16.46 21.44 -8.87
C LYS B 134 15.19 21.90 -8.17
N ILE B 135 15.09 21.56 -6.89
CA ILE B 135 13.96 21.94 -6.06
C ILE B 135 13.95 23.41 -5.74
N ASP B 136 12.74 23.96 -5.65
CA ASP B 136 12.52 25.36 -5.29
C ASP B 136 12.39 25.52 -3.76
N LYS B 137 12.66 26.74 -3.30
CA LYS B 137 12.38 27.18 -1.94
C LYS B 137 10.94 26.91 -1.52
N ASP B 138 10.78 26.44 -0.29
CA ASP B 138 9.46 26.20 0.31
C ASP B 138 8.54 25.35 -0.56
N GLU B 139 9.15 24.43 -1.30
CA GLU B 139 8.44 23.51 -2.15
C GLU B 139 8.81 22.10 -1.68
N SER B 140 7.92 21.15 -1.98
CA SER B 140 8.02 19.75 -1.59
C SER B 140 8.86 18.90 -2.53
N ASP B 141 9.36 17.80 -2.01
CA ASP B 141 9.96 16.78 -2.83
C ASP B 141 9.06 16.44 -4.01
N VAL B 142 7.82 16.13 -3.70
CA VAL B 142 6.87 15.61 -4.67
C VAL B 142 6.42 16.69 -5.67
N ASP B 143 6.24 17.91 -5.18
CA ASP B 143 5.84 19.03 -6.00
C ASP B 143 6.91 19.40 -6.94
N CYS B 144 8.15 19.35 -6.47
CA CYS B 144 9.30 19.55 -7.33
C CYS B 144 9.25 18.60 -8.51
N ALA B 145 9.00 17.33 -8.26
CA ALA B 145 8.96 16.35 -9.32
C ALA B 145 7.74 16.59 -10.22
N ILE B 146 6.62 17.00 -9.64
CA ILE B 146 5.42 17.22 -10.42
C ILE B 146 5.67 18.35 -11.41
N ARG B 147 6.30 19.41 -10.93
CA ARG B 147 6.58 20.60 -11.72
C ARG B 147 7.61 20.36 -12.82
N GLU B 148 8.70 19.67 -12.47
CA GLU B 148 9.79 19.42 -13.41
C GLU B 148 9.35 18.52 -14.53
N VAL B 149 8.49 17.56 -14.21
CA VAL B 149 7.93 16.68 -15.21
C VAL B 149 6.97 17.43 -16.12
N TYR B 150 6.16 18.32 -15.56
CA TYR B 150 5.16 19.04 -16.33
C TYR B 150 5.85 20.02 -17.30
N GLU B 151 6.73 20.86 -16.76
CA GLU B 151 7.55 21.78 -17.55
C GLU B 151 8.37 21.11 -18.67
N GLU B 152 8.80 19.88 -18.44
CA GLU B 152 9.68 19.20 -19.38
C GLU B 152 8.93 18.31 -20.39
N THR B 153 7.83 17.72 -19.97
CA THR B 153 7.08 16.76 -20.80
C THR B 153 5.66 17.22 -21.16
N GLY B 154 5.09 18.17 -20.43
CA GLY B 154 3.71 18.61 -20.67
C GLY B 154 2.66 17.65 -20.12
N PHE B 155 3.11 16.68 -19.33
CA PHE B 155 2.25 15.70 -18.68
C PHE B 155 2.17 16.04 -17.20
N ASP B 156 0.94 16.12 -16.68
CA ASP B 156 0.68 16.37 -15.26
C ASP B 156 0.52 15.04 -14.51
N CYS B 157 1.53 14.69 -13.72
CA CYS B 157 1.55 13.45 -12.93
C CYS B 157 1.08 13.58 -11.46
N SER B 158 0.58 14.76 -11.09
CA SER B 158 -0.05 14.97 -9.78
C SER B 158 -0.88 13.79 -9.35
N SER B 159 -1.78 13.32 -10.20
CA SER B 159 -2.80 12.33 -9.76
C SER B 159 -2.31 10.88 -9.60
N ARG B 160 -1.07 10.60 -9.95
CA ARG B 160 -0.52 9.24 -9.83
C ARG B 160 0.80 9.11 -9.06
N ILE B 161 1.53 10.20 -8.86
CA ILE B 161 2.80 10.12 -8.18
C ILE B 161 2.60 9.64 -6.73
N ASN B 162 3.49 8.76 -6.28
CA ASN B 162 3.39 8.14 -4.97
C ASN B 162 4.67 8.48 -4.18
N PRO B 163 4.54 9.24 -3.09
CA PRO B 163 5.73 9.67 -2.32
C PRO B 163 6.60 8.53 -1.78
N ASN B 164 6.05 7.32 -1.71
CA ASN B 164 6.80 6.16 -1.21
C ASN B 164 7.55 5.35 -2.28
N GLU B 165 7.33 5.68 -3.54
CA GLU B 165 7.87 4.91 -4.65
C GLU B 165 8.88 5.78 -5.40
N PHE B 166 10.16 5.47 -5.16
CA PHE B 166 11.26 6.24 -5.69
C PHE B 166 12.56 5.52 -5.63
N ILE B 167 13.51 6.03 -6.41
CA ILE B 167 14.91 5.71 -6.23
C ILE B 167 15.63 6.96 -5.75
N ASP B 168 16.14 6.90 -4.52
CA ASP B 168 16.95 7.97 -3.89
C ASP B 168 18.41 7.56 -3.93
N MET B 169 19.25 8.36 -4.59
CA MET B 169 20.70 8.21 -4.50
C MET B 169 21.37 9.57 -4.54
N THR B 170 22.50 9.69 -3.85
CA THR B 170 23.23 10.94 -3.79
C THR B 170 24.35 10.90 -4.84
N ILE B 171 24.39 11.89 -5.73
CA ILE B 171 25.41 11.95 -6.76
C ILE B 171 26.24 13.24 -6.68
N ARG B 172 27.55 13.09 -6.45
CA ARG B 172 28.46 14.22 -6.34
C ARG B 172 27.99 15.22 -5.28
N GLY B 173 27.51 14.70 -4.14
CA GLY B 173 26.98 15.54 -3.05
C GLY B 173 25.56 16.06 -3.27
N GLN B 174 24.97 15.72 -4.41
CA GLN B 174 23.66 16.21 -4.74
C GLN B 174 22.66 15.09 -4.60
N ASN B 175 21.81 15.15 -3.57
CA ASN B 175 20.72 14.20 -3.43
C ASN B 175 19.82 14.22 -4.64
N VAL B 176 19.48 13.05 -5.17
CA VAL B 176 18.56 12.92 -6.33
C VAL B 176 17.47 11.89 -6.02
N ARG B 177 16.21 12.25 -6.19
CA ARG B 177 15.10 11.34 -5.93
C ARG B 177 14.16 11.31 -7.12
N LEU B 178 14.02 10.13 -7.73
CA LEU B 178 13.21 9.98 -8.91
C LEU B 178 12.05 9.06 -8.61
N TYR B 179 10.86 9.65 -8.59
CA TYR B 179 9.65 8.92 -8.27
C TYR B 179 9.33 7.98 -9.41
N ILE B 180 9.06 6.71 -9.11
CA ILE B 180 8.62 5.84 -10.17
C ILE B 180 7.07 5.78 -10.32
N ILE B 181 6.61 6.08 -11.53
CA ILE B 181 5.19 6.20 -11.90
C ILE B 181 4.89 5.33 -13.12
N PRO B 182 4.38 4.12 -12.91
CA PRO B 182 4.08 3.22 -14.02
C PRO B 182 2.64 3.36 -14.47
N GLY B 183 2.29 2.72 -15.59
CA GLY B 183 0.94 2.76 -16.12
C GLY B 183 0.61 4.03 -16.89
N ILE B 184 1.65 4.76 -17.29
CA ILE B 184 1.51 5.91 -18.12
C ILE B 184 1.31 5.41 -19.54
N SER B 185 0.30 5.97 -20.19
CA SER B 185 -0.15 5.52 -21.49
C SER B 185 0.89 5.84 -22.55
N LEU B 186 1.16 4.88 -23.42
CA LEU B 186 2.09 5.11 -24.54
C LEU B 186 1.58 6.18 -25.50
N ASP B 187 0.26 6.39 -25.53
CA ASP B 187 -0.36 7.39 -26.38
C ASP B 187 -0.31 8.80 -25.79
N THR B 188 0.44 9.00 -24.72
CA THR B 188 0.42 10.28 -24.01
C THR B 188 1.00 11.43 -24.85
N ARG B 189 0.54 12.64 -24.54
CA ARG B 189 0.94 13.88 -25.21
C ARG B 189 2.47 14.09 -25.34
N PHE B 190 3.05 14.92 -24.48
CA PHE B 190 4.46 15.32 -24.60
C PHE B 190 4.70 16.28 -25.75
N GLU B 197 15.05 24.83 -24.72
CA GLU B 197 14.64 24.24 -23.45
C GLU B 197 14.93 22.73 -23.44
N ILE B 198 13.94 21.96 -23.94
CA ILE B 198 14.00 20.50 -24.12
C ILE B 198 13.79 20.19 -25.60
N SER B 199 14.66 19.33 -26.14
CA SER B 199 14.62 19.00 -27.55
C SER B 199 13.60 17.92 -27.85
N LYS B 200 13.73 16.78 -27.18
CA LYS B 200 12.90 15.62 -27.46
C LYS B 200 12.30 15.02 -26.20
N ILE B 201 11.33 14.13 -26.39
CA ILE B 201 10.63 13.39 -25.34
C ILE B 201 10.13 12.08 -25.95
N GLU B 202 10.89 11.01 -25.80
CA GLU B 202 10.55 9.72 -26.42
C GLU B 202 10.53 8.57 -25.42
N TRP B 203 9.90 7.46 -25.81
CA TRP B 203 9.92 6.26 -24.99
C TRP B 203 11.17 5.48 -25.30
N HIS B 204 11.47 4.48 -24.48
CA HIS B 204 12.73 3.74 -24.53
C HIS B 204 12.56 2.40 -23.86
N ASN B 205 12.83 1.31 -24.57
CA ASN B 205 12.72 0.00 -23.96
C ASN B 205 13.86 -0.18 -22.96
N LEU B 206 13.52 -0.59 -21.74
CA LEU B 206 14.51 -0.65 -20.68
C LEU B 206 15.69 -1.56 -21.07
N MET B 207 15.46 -2.60 -21.84
CA MET B 207 16.54 -3.51 -22.20
C MET B 207 17.42 -2.99 -23.35
N ASP B 208 16.91 -2.06 -24.16
CA ASP B 208 17.73 -1.32 -25.14
C ASP B 208 18.75 -0.40 -24.45
N LEU B 209 18.53 -0.13 -23.17
CA LEU B 209 19.39 0.75 -22.38
C LEU B 209 20.60 -0.02 -21.84
N PRO B 210 21.71 0.71 -21.70
CA PRO B 210 23.04 0.11 -21.46
C PRO B 210 23.12 -1.02 -20.43
N THR B 211 22.94 -0.78 -19.14
CA THR B 211 23.23 -1.83 -18.15
C THR B 211 22.03 -2.68 -17.71
N PHE B 212 20.87 -2.49 -18.32
CA PHE B 212 19.64 -3.04 -17.77
C PHE B 212 19.63 -4.55 -17.82
N LYS B 213 19.94 -5.11 -18.99
CA LYS B 213 19.98 -6.56 -19.14
C LYS B 213 21.06 -7.01 -20.13
N MET B 220 29.92 4.10 -27.10
CA MET B 220 28.67 3.79 -27.82
C MET B 220 27.42 3.84 -26.92
N LYS B 221 27.42 4.69 -25.88
CA LYS B 221 26.31 4.74 -24.91
C LYS B 221 26.40 5.73 -23.71
N ASN B 222 27.41 6.59 -23.65
CA ASN B 222 27.49 7.64 -22.61
C ASN B 222 26.42 8.74 -22.80
N LYS B 223 25.70 8.71 -23.93
CA LYS B 223 24.53 9.60 -24.11
C LYS B 223 23.41 9.26 -23.12
N PHE B 224 23.60 8.13 -22.42
CA PHE B 224 22.70 7.70 -21.36
C PHE B 224 23.40 7.70 -19.99
N TYR B 225 24.51 8.45 -19.84
CA TYR B 225 25.28 8.42 -18.58
C TYR B 225 24.49 8.93 -17.36
N MET B 226 23.38 9.62 -17.57
CA MET B 226 22.56 10.10 -16.45
C MET B 226 21.52 9.09 -16.01
N VAL B 227 21.08 8.24 -16.93
CA VAL B 227 20.10 7.18 -16.64
C VAL B 227 20.71 6.05 -15.81
N ILE B 228 21.94 5.65 -16.18
CA ILE B 228 22.50 4.36 -15.82
C ILE B 228 22.55 3.97 -14.33
N PRO B 229 22.83 4.89 -13.41
CA PRO B 229 22.93 4.50 -12.01
C PRO B 229 21.60 4.04 -11.40
N PHE B 230 20.48 4.43 -12.04
CA PHE B 230 19.14 4.06 -11.59
C PHE B 230 18.64 2.74 -12.12
N LEU B 231 19.32 2.18 -13.11
CA LEU B 231 18.75 1.06 -13.84
C LEU B 231 18.68 -0.18 -12.95
N ALA B 232 19.78 -0.53 -12.28
CA ALA B 232 19.77 -1.70 -11.39
C ALA B 232 18.71 -1.59 -10.29
N PRO B 233 18.62 -0.47 -9.59
CA PRO B 233 17.49 -0.26 -8.66
C PRO B 233 16.12 -0.29 -9.34
N LEU B 234 16.04 0.14 -10.61
CA LEU B 234 14.78 0.17 -11.35
C LEU B 234 14.28 -1.23 -11.61
N LYS B 235 15.19 -2.06 -12.11
CA LYS B 235 14.92 -3.44 -12.45
C LYS B 235 14.54 -4.23 -11.20
N LYS B 236 15.24 -3.98 -10.09
CA LYS B 236 14.86 -4.53 -8.80
C LYS B 236 13.40 -4.15 -8.45
N TRP B 237 13.04 -2.88 -8.65
CA TRP B 237 11.71 -2.37 -8.30
C TRP B 237 10.65 -2.98 -9.21
N ILE B 238 10.97 -3.08 -10.50
CA ILE B 238 10.05 -3.63 -11.51
C ILE B 238 9.76 -5.10 -11.26
N LYS B 239 10.73 -5.83 -10.73
CA LYS B 239 10.59 -7.25 -10.54
C LYS B 239 9.82 -7.55 -9.27
N LYS B 240 10.18 -6.88 -8.17
CA LYS B 240 9.44 -6.92 -6.92
C LYS B 240 7.95 -6.61 -7.18
N ARG B 241 7.70 -5.72 -8.13
CA ARG B 241 6.36 -5.29 -8.50
C ARG B 241 5.62 -6.34 -9.32
N ASN B 242 6.29 -6.89 -10.32
CA ASN B 242 5.75 -7.99 -11.12
C ASN B 242 5.46 -9.22 -10.26
N ILE B 243 6.17 -9.38 -9.15
CA ILE B 243 5.89 -10.46 -8.20
C ILE B 243 4.68 -10.09 -7.34
N ALA B 244 4.59 -8.82 -6.94
CA ALA B 244 3.59 -8.37 -5.98
C ALA B 244 2.17 -8.32 -6.56
N ASN B 245 2.09 -7.96 -7.85
CA ASN B 245 0.84 -7.98 -8.62
C ASN B 245 0.29 -9.37 -8.84
N ASN B 246 1.11 -10.39 -8.54
CA ASN B 246 0.78 -11.79 -8.83
C ASN B 246 0.84 -12.79 -7.65
N THR B 247 0.68 -12.34 -6.40
CA THR B 247 0.71 -13.26 -5.26
C THR B 247 -0.55 -13.21 -4.39
N THR B 248 -0.80 -14.29 -3.64
CA THR B 248 -1.92 -14.37 -2.71
C THR B 248 -1.45 -14.43 -1.25
#